data_3RM0
#
_entry.id   3RM0
#
_cell.length_a   70.500
_cell.length_b   71.300
_cell.length_c   72.500
_cell.angle_alpha   90.00
_cell.angle_beta   100.50
_cell.angle_gamma   90.00
#
_symmetry.space_group_name_H-M   'C 1 2 1'
#
loop_
_entity.id
_entity.type
_entity.pdbx_description
1 polymer 'Thrombin Light Chain'
2 polymer 'Thrombin Heavy Chain'
3 polymer 'Hirudin variant-2'
4 non-polymer 2-acetamido-2-deoxy-beta-D-glucopyranose
5 non-polymer N-(benzylsulfonyl)-D-valyl-N-(4-carbamimidoylbenzyl)-L-prolinamide
6 non-polymer 'PHOSPHATE ION'
7 non-polymer GLYCEROL
8 non-polymer 'SODIUM ION'
9 water water
#
loop_
_entity_poly.entity_id
_entity_poly.type
_entity_poly.pdbx_seq_one_letter_code
_entity_poly.pdbx_strand_id
1 'polypeptide(L)' TFGSGEADCGLRPLFEKKSLEDKTERELLESYIDGR L
2 'polypeptide(L)'
;IVEGSDAEIGMSPWQVMLFRKSPQELLCGASLISDRWVLTAAHCLLYPPWDKNFTENDLLVRIGKHSRTRYERNIEKISM
LEKIYIHPRYNWRENLDRDIALMKLKKPVAFSDYIHPVCLPDRETAASLLQAGYKGRVTGWGNLKETWTANVGKGQPSVL
QVVNLPIVERPVCKDSTRIRITDNMFCAGYKPDEGKRGDACEGDSGGPFVMKSPFNNRWYQMGIVSWGEGCDRDGKYGFY
THVFRLKKWIQKVIDQFGE
;
H
3 'polypeptide(L)' NGDFEEIPEE(TYS)LQ I
#
loop_
_chem_comp.id
_chem_comp.type
_chem_comp.name
_chem_comp.formula
GOL non-polymer GLYCEROL 'C3 H8 O3'
NA non-polymer 'SODIUM ION' 'Na 1'
NAG D-saccharide, beta linking 2-acetamido-2-deoxy-beta-D-glucopyranose 'C8 H15 N O6'
PO4 non-polymer 'PHOSPHATE ION' 'O4 P -3'
S54 peptide-like N-(benzylsulfonyl)-D-valyl-N-(4-carbamimidoylbenzyl)-L-prolinamide 'C25 H33 N5 O4 S'
#
# COMPACT_ATOMS: atom_id res chain seq x y z
N GLU A 6 13.12 -7.53 9.64
CA GLU A 6 12.97 -8.90 9.19
C GLU A 6 12.26 -9.73 10.25
N ALA A 7 13.01 -10.18 11.25
CA ALA A 7 12.45 -11.01 12.31
C ALA A 7 11.37 -10.27 13.09
N ASP A 8 11.41 -8.95 13.07
CA ASP A 8 10.46 -8.14 13.84
C ASP A 8 9.36 -7.53 12.96
N CYS A 9 9.26 -8.01 11.73
CA CYS A 9 8.33 -7.40 10.79
C CYS A 9 6.89 -7.49 11.31
N GLY A 10 6.08 -6.49 10.96
CA GLY A 10 4.65 -6.58 11.19
C GLY A 10 4.20 -6.41 12.64
N LEU A 11 5.13 -6.05 13.53
CA LEU A 11 4.81 -5.77 14.93
C LEU A 11 5.03 -4.28 15.17
N ARG A 12 3.95 -3.55 15.39
CA ARG A 12 4.05 -2.09 15.45
C ARG A 12 4.53 -1.63 16.82
N PRO A 13 5.53 -0.73 16.84
CA PRO A 13 6.04 -0.21 18.12
C PRO A 13 4.95 0.35 19.04
N LEU A 14 3.93 1.02 18.49
CA LEU A 14 2.95 1.66 19.35
C LEU A 14 1.73 0.80 19.62
N PHE A 15 1.73 -0.41 19.07
CA PHE A 15 0.61 -1.33 19.25
C PHE A 15 1.08 -2.69 19.73
N GLU A 16 1.38 -3.61 18.82
CA GLU A 16 1.75 -4.96 19.24
C GLU A 16 2.91 -4.97 20.24
N LYS A 17 3.91 -4.13 20.02
CA LYS A 17 5.11 -4.15 20.86
CA LYS A 17 5.10 -4.17 20.87
C LYS A 17 4.80 -3.80 22.31
N LYS A 18 3.76 -3.00 22.53
CA LYS A 18 3.38 -2.62 23.88
C LYS A 18 2.02 -3.20 24.29
N SER A 19 1.57 -4.20 23.52
CA SER A 19 0.28 -4.87 23.77
C SER A 19 -0.89 -3.89 23.88
N LEU A 20 -0.94 -2.93 22.96
CA LEU A 20 -2.11 -2.07 22.77
C LEU A 20 -2.76 -2.39 21.45
N GLU A 21 -4.09 -2.36 21.41
CA GLU A 21 -4.82 -2.61 20.17
C GLU A 21 -5.30 -1.31 19.56
N ASP A 22 -5.33 -1.24 18.23
CA ASP A 22 -5.92 -0.08 17.59
C ASP A 22 -7.44 -0.18 17.57
N LYS A 23 -8.11 0.87 17.15
CA LYS A 23 -9.55 0.97 17.35
C LYS A 23 -10.39 0.04 16.48
N THR A 24 -9.82 -0.49 15.40
CA THR A 24 -10.62 -1.34 14.51
C THR A 24 -10.01 -2.69 14.15
N GLU A 25 -8.87 -3.05 14.72
CA GLU A 25 -8.29 -4.34 14.38
C GLU A 25 -9.19 -5.50 14.75
N ARG A 26 -10.02 -5.32 15.77
CA ARG A 26 -10.92 -6.40 16.18
C ARG A 26 -11.89 -6.74 15.05
N GLU A 27 -12.27 -5.76 14.24
CA GLU A 27 -13.15 -6.00 13.10
C GLU A 27 -12.50 -7.02 12.15
N LEU A 28 -11.19 -6.92 11.99
CA LEU A 28 -10.47 -7.87 11.14
C LEU A 28 -10.51 -9.26 11.77
N LEU A 29 -10.18 -9.34 13.06
CA LEU A 29 -10.17 -10.63 13.74
C LEU A 29 -11.53 -11.32 13.63
N GLU A 30 -12.59 -10.56 13.83
CA GLU A 30 -13.94 -11.12 13.81
C GLU A 30 -14.35 -11.66 12.44
N SER A 31 -13.70 -11.20 11.39
CA SER A 31 -13.99 -11.68 10.04
C SER A 31 -13.27 -12.99 9.74
N TYR A 32 -12.27 -13.33 10.56
CA TYR A 32 -11.39 -14.46 10.27
C TYR A 32 -12.00 -15.68 10.94
N ILE A 33 -12.91 -16.34 10.24
CA ILE A 33 -13.67 -17.46 10.79
C ILE A 33 -13.10 -18.80 10.35
N ILE B 1 -8.66 7.54 0.11
CA ILE B 1 -9.54 6.56 0.73
C ILE B 1 -10.93 7.18 0.87
N VAL B 2 -11.94 6.50 0.35
CA VAL B 2 -13.32 6.97 0.44
C VAL B 2 -14.04 6.25 1.57
N GLU B 3 -14.73 7.01 2.41
CA GLU B 3 -15.54 6.45 3.49
C GLU B 3 -14.70 5.69 4.53
N GLY B 4 -13.49 6.18 4.74
CA GLY B 4 -12.62 5.67 5.79
C GLY B 4 -12.58 6.65 6.96
N SER B 5 -11.53 6.56 7.76
CA SER B 5 -11.37 7.42 8.91
C SER B 5 -9.89 7.78 9.10
N ASP B 6 -9.62 8.74 9.97
CA ASP B 6 -8.24 9.13 10.27
C ASP B 6 -7.52 7.95 10.92
N ALA B 7 -6.31 7.68 10.45
CA ALA B 7 -5.45 6.68 11.08
C ALA B 7 -5.06 7.15 12.47
N GLU B 8 -4.82 6.19 13.36
CA GLU B 8 -4.18 6.49 14.63
C GLU B 8 -2.67 6.70 14.43
N ILE B 9 -2.04 7.43 15.33
CA ILE B 9 -0.59 7.62 15.27
C ILE B 9 0.11 6.26 15.35
N GLY B 10 1.02 6.00 14.43
CA GLY B 10 1.76 4.75 14.39
C GLY B 10 0.94 3.52 14.01
N MET B 11 -0.25 3.72 13.46
CA MET B 11 -1.12 2.62 13.10
C MET B 11 -0.61 1.82 11.90
N SER B 12 0.11 2.50 11.02
CA SER B 12 0.58 1.92 9.77
CA SER B 12 0.60 1.90 9.78
C SER B 12 2.03 2.37 9.53
N PRO B 13 2.97 1.88 10.37
CA PRO B 13 4.32 2.46 10.36
C PRO B 13 5.13 2.03 9.15
N TRP B 14 4.57 1.14 8.34
CA TRP B 14 5.16 0.75 7.06
C TRP B 14 4.66 1.63 5.90
N GLN B 15 3.73 2.54 6.15
CA GLN B 15 3.19 3.34 5.07
CA GLN B 15 3.18 3.40 5.11
C GLN B 15 4.26 4.28 4.54
N VAL B 16 4.36 4.35 3.22
CA VAL B 16 5.33 5.22 2.56
C VAL B 16 4.60 6.15 1.61
N MET B 17 5.05 7.39 1.52
CA MET B 17 4.55 8.32 0.53
C MET B 17 5.60 8.47 -0.56
N LEU B 18 5.20 8.21 -1.79
CA LEU B 18 6.07 8.52 -2.92
CA LEU B 18 6.05 8.50 -2.95
C LEU B 18 5.78 9.95 -3.31
N PHE B 19 6.82 10.77 -3.33
CA PHE B 19 6.66 12.21 -3.45
C PHE B 19 7.41 12.71 -4.68
N ARG B 20 6.71 13.44 -5.54
CA ARG B 20 7.35 14.02 -6.70
C ARG B 20 8.14 15.26 -6.29
N LYS B 21 9.36 15.39 -6.80
CA LYS B 21 10.23 16.51 -6.46
C LYS B 21 9.78 17.82 -7.09
N SER B 22 9.35 17.76 -8.34
CA SER B 22 8.93 18.96 -9.06
C SER B 22 7.92 18.64 -10.15
N PRO B 23 6.68 19.15 -10.02
CA PRO B 23 6.22 19.94 -8.88
C PRO B 23 6.14 19.06 -7.64
N GLN B 24 6.26 19.66 -6.46
CA GLN B 24 6.15 18.90 -5.21
C GLN B 24 4.70 18.47 -4.99
N GLU B 25 4.46 17.16 -5.07
CA GLU B 25 3.10 16.63 -4.93
C GLU B 25 3.12 15.14 -4.62
N LEU B 26 2.00 14.64 -4.09
CA LEU B 26 1.84 13.21 -3.84
CA LEU B 26 1.84 13.22 -3.84
C LEU B 26 1.82 12.47 -5.17
N LEU B 27 2.65 11.43 -5.27
CA LEU B 27 2.69 10.57 -6.44
CA LEU B 27 2.62 10.58 -6.46
C LEU B 27 1.86 9.30 -6.22
N CYS B 28 2.06 8.68 -5.05
CA CYS B 28 1.47 7.38 -4.77
C CYS B 28 1.75 7.01 -3.34
N GLY B 29 1.12 5.94 -2.90
CA GLY B 29 1.53 5.24 -1.70
C GLY B 29 2.53 4.15 -2.02
N ALA B 30 3.02 3.51 -0.97
CA ALA B 30 4.03 2.47 -1.05
C ALA B 30 4.16 1.88 0.35
N SER B 31 5.00 0.87 0.51
CA SER B 31 5.17 0.26 1.84
C SER B 31 6.63 -0.09 2.09
N LEU B 32 7.01 -0.06 3.37
CA LEU B 32 8.36 -0.40 3.78
C LEU B 32 8.43 -1.89 4.11
N ILE B 33 9.29 -2.63 3.41
CA ILE B 33 9.41 -4.07 3.66
C ILE B 33 10.76 -4.48 4.26
N SER B 34 11.71 -3.55 4.33
CA SER B 34 12.97 -3.75 5.05
C SER B 34 13.59 -2.39 5.22
N ASP B 35 14.80 -2.30 5.78
CA ASP B 35 15.40 -1.00 5.98
C ASP B 35 15.88 -0.35 4.67
N ARG B 36 15.85 -1.09 3.56
CA ARG B 36 16.37 -0.58 2.30
CA ARG B 36 16.38 -0.59 2.29
C ARG B 36 15.42 -0.77 1.11
N TRP B 37 14.30 -1.44 1.33
CA TRP B 37 13.40 -1.78 0.23
C TRP B 37 11.98 -1.30 0.45
N VAL B 38 11.41 -0.71 -0.59
CA VAL B 38 10.06 -0.19 -0.59
C VAL B 38 9.27 -0.84 -1.74
N LEU B 39 8.05 -1.26 -1.45
CA LEU B 39 7.17 -1.93 -2.41
C LEU B 39 6.08 -0.97 -2.87
N THR B 40 5.78 -0.97 -4.16
CA THR B 40 4.70 -0.11 -4.68
C THR B 40 4.07 -0.76 -5.90
N ALA B 41 3.13 -0.06 -6.54
CA ALA B 41 2.54 -0.52 -7.80
C ALA B 41 3.39 -0.05 -8.97
N ALA B 42 3.55 -0.91 -9.98
CA ALA B 42 4.26 -0.51 -11.20
C ALA B 42 3.63 0.72 -11.86
N HIS B 43 2.30 0.84 -11.83
CA HIS B 43 1.66 1.95 -12.53
C HIS B 43 1.97 3.30 -11.88
N CYS B 44 2.48 3.27 -10.65
CA CYS B 44 2.92 4.50 -10.00
C CYS B 44 4.14 5.08 -10.68
N LEU B 45 4.92 4.22 -11.33
CA LEU B 45 6.17 4.62 -11.95
C LEU B 45 6.12 4.61 -13.47
N LEU B 46 5.33 3.69 -14.02
CA LEU B 46 5.31 3.49 -15.46
C LEU B 46 3.89 3.26 -15.95
N TYR B 47 3.36 4.21 -16.71
CA TYR B 47 2.05 4.05 -17.34
C TYR B 47 2.00 4.87 -18.64
N PRO B 48 2.52 4.29 -19.72
CA PRO B 48 2.65 5.00 -21.00
C PRO B 48 1.38 5.66 -21.55
N PRO B 49 0.20 5.05 -21.33
CA PRO B 49 -0.99 5.71 -21.90
C PRO B 49 -1.21 7.12 -21.34
N TRP B 50 -0.70 7.39 -20.14
CA TRP B 50 -0.81 8.71 -19.52
C TRP B 50 0.53 9.43 -19.50
N ASP B 51 1.48 8.97 -20.32
CA ASP B 51 2.79 9.60 -20.43
C ASP B 51 3.55 9.61 -19.10
N LYS B 52 3.35 8.56 -18.31
CA LYS B 52 4.03 8.45 -17.03
C LYS B 52 5.21 7.49 -17.12
N ASN B 53 6.40 8.01 -16.79
CA ASN B 53 7.60 7.20 -16.77
C ASN B 53 8.62 7.85 -15.91
N PHE B 54 8.51 7.62 -14.60
CA PHE B 54 9.40 8.25 -13.64
C PHE B 54 10.72 7.52 -13.50
N THR B 55 11.78 8.30 -13.31
CA THR B 55 13.11 7.75 -13.07
C THR B 55 13.44 7.97 -11.59
N GLU B 56 14.50 7.32 -11.11
CA GLU B 56 14.90 7.43 -9.71
C GLU B 56 15.03 8.87 -9.20
N ASN B 57 15.61 9.73 -10.03
CA ASN B 57 15.90 11.10 -9.59
C ASN B 57 14.69 12.02 -9.54
N ASP B 58 13.55 11.54 -10.03
CA ASP B 58 12.33 12.33 -10.06
C ASP B 58 11.61 12.33 -8.72
N LEU B 59 11.94 11.39 -7.84
CA LEU B 59 11.08 11.08 -6.70
C LEU B 59 11.82 11.01 -5.37
N LEU B 60 11.05 11.15 -4.30
CA LEU B 60 11.54 10.89 -2.96
C LEU B 60 10.58 9.95 -2.26
N VAL B 61 11.11 9.22 -1.27
CA VAL B 61 10.29 8.40 -0.40
C VAL B 61 10.19 9.08 0.96
N ARG B 62 8.97 9.28 1.47
CA ARG B 62 8.77 9.89 2.78
C ARG B 62 8.14 8.84 3.69
N ILE B 63 8.83 8.53 4.77
CA ILE B 63 8.45 7.42 5.64
C ILE B 63 8.17 7.96 7.05
N GLY B 64 7.23 7.35 7.75
CA GLY B 64 6.87 7.78 9.09
C GLY B 64 5.82 8.88 9.13
N LYS B 65 5.14 9.12 8.01
CA LYS B 65 4.23 10.26 7.94
C LYS B 65 2.84 9.97 8.47
N HIS B 66 2.16 11.04 8.87
CA HIS B 66 0.77 11.00 9.27
C HIS B 66 0.03 12.12 8.52
N SER B 67 0.40 13.36 8.77
CA SER B 67 -0.09 14.48 7.97
C SER B 67 0.24 14.30 6.48
N ARG B 68 -0.72 14.60 5.61
CA ARG B 68 -0.47 14.53 4.18
C ARG B 68 0.53 15.60 3.71
N THR B 69 0.28 16.85 4.09
CA THR B 69 1.01 17.98 3.49
C THR B 69 2.14 18.58 4.33
N ARG B 70 2.14 18.34 5.63
N ARG B 70 2.13 18.34 5.63
CA ARG B 70 3.13 19.00 6.49
CA ARG B 70 3.14 18.92 6.51
C ARG B 70 4.46 18.26 6.54
C ARG B 70 4.50 18.25 6.35
N TYR B 71 5.55 19.02 6.61
CA TYR B 71 6.86 18.41 6.82
C TYR B 71 6.93 18.06 8.31
N GLU B 72 6.90 16.77 8.61
CA GLU B 72 6.77 16.29 9.98
C GLU B 72 8.13 16.15 10.65
N ARG B 73 8.67 17.30 10.98
CA ARG B 73 10.00 17.44 11.55
C ARG B 73 10.20 16.50 12.75
N ASN B 74 11.32 15.79 12.76
CA ASN B 74 11.68 14.90 13.86
C ASN B 74 10.89 13.59 13.89
N ILE B 75 10.02 13.39 12.89
CA ILE B 75 9.20 12.19 12.84
C ILE B 75 9.38 11.48 11.51
N GLU B 76 9.07 12.15 10.41
CA GLU B 76 9.23 11.52 9.11
C GLU B 76 10.69 11.51 8.71
N LYS B 77 11.03 10.58 7.84
CA LYS B 77 12.38 10.53 7.27
C LYS B 77 12.23 10.46 5.76
N ILE B 78 13.10 11.19 5.07
CA ILE B 78 13.05 11.28 3.62
C ILE B 78 14.25 10.59 3.00
N SER B 79 13.98 9.68 2.07
CA SER B 79 15.00 8.84 1.46
C SER B 79 15.05 9.05 -0.04
N MET B 80 16.25 8.97 -0.60
CA MET B 80 16.43 9.03 -2.04
C MET B 80 16.45 7.62 -2.61
N LEU B 81 16.12 7.49 -3.89
CA LEU B 81 16.06 6.19 -4.55
CA LEU B 81 16.07 6.18 -4.53
C LEU B 81 17.37 5.83 -5.22
N GLU B 82 17.86 4.62 -4.96
CA GLU B 82 19.02 4.10 -5.67
C GLU B 82 18.61 3.51 -7.02
N LYS B 83 17.56 2.70 -7.03
CA LYS B 83 17.13 2.00 -8.23
C LYS B 83 15.68 1.55 -8.14
N ILE B 84 14.99 1.64 -9.26
CA ILE B 84 13.64 1.11 -9.43
C ILE B 84 13.66 -0.19 -10.21
N TYR B 85 12.86 -1.16 -9.76
CA TYR B 85 12.70 -2.44 -10.47
C TYR B 85 11.22 -2.69 -10.73
N ILE B 86 10.84 -2.76 -11.99
CA ILE B 86 9.45 -3.00 -12.36
C ILE B 86 9.33 -4.45 -12.83
N HIS B 87 8.24 -5.12 -12.47
CA HIS B 87 8.08 -6.49 -12.92
C HIS B 87 8.20 -6.55 -14.44
N PRO B 88 9.01 -7.49 -14.97
CA PRO B 88 9.23 -7.55 -16.41
C PRO B 88 8.00 -7.94 -17.21
N ARG B 89 7.00 -8.52 -16.56
CA ARG B 89 5.76 -8.88 -17.25
C ARG B 89 4.58 -8.03 -16.80
N TYR B 90 4.86 -6.89 -16.20
CA TYR B 90 3.82 -5.89 -15.92
C TYR B 90 3.06 -5.53 -17.19
N ASN B 91 1.75 -5.74 -17.17
CA ASN B 91 0.92 -5.56 -18.35
C ASN B 91 0.16 -4.23 -18.31
N TRP B 92 0.85 -3.15 -18.66
CA TRP B 92 0.21 -1.84 -18.70
C TRP B 92 -0.66 -1.65 -19.93
N ARG B 93 -0.51 -2.53 -20.92
CA ARG B 93 -1.27 -2.40 -22.15
C ARG B 93 -2.74 -2.78 -21.98
N GLU B 94 -2.99 -3.79 -21.15
CA GLU B 94 -4.33 -4.37 -21.07
C GLU B 94 -5.07 -4.15 -19.76
N ASN B 95 -4.55 -4.71 -18.67
CA ASN B 95 -5.32 -4.80 -17.44
C ASN B 95 -4.51 -4.62 -16.16
N LEU B 96 -3.28 -4.10 -16.28
CA LEU B 96 -2.39 -3.90 -15.14
C LEU B 96 -2.02 -5.22 -14.44
N ASP B 97 -2.02 -6.32 -15.18
CA ASP B 97 -1.54 -7.59 -14.64
C ASP B 97 -0.11 -7.43 -14.10
N ARG B 98 0.16 -8.00 -12.91
CA ARG B 98 1.48 -7.94 -12.29
C ARG B 98 1.90 -6.50 -12.00
N ASP B 99 0.99 -5.76 -11.37
CA ASP B 99 1.20 -4.34 -11.09
C ASP B 99 2.05 -4.20 -9.82
N ILE B 100 3.36 -4.36 -9.97
CA ILE B 100 4.25 -4.40 -8.82
C ILE B 100 5.62 -3.85 -9.19
N ALA B 101 6.20 -3.11 -8.26
CA ALA B 101 7.55 -2.57 -8.42
C ALA B 101 8.24 -2.48 -7.07
N LEU B 102 9.56 -2.59 -7.10
CA LEU B 102 10.39 -2.42 -5.91
C LEU B 102 11.27 -1.21 -6.09
N MET B 103 11.58 -0.55 -4.99
CA MET B 103 12.51 0.58 -4.98
CA MET B 103 12.53 0.54 -5.01
C MET B 103 13.56 0.34 -3.91
N LYS B 104 14.83 0.38 -4.28
CA LYS B 104 15.93 0.27 -3.32
C LYS B 104 16.35 1.66 -2.88
N LEU B 105 16.43 1.88 -1.57
CA LEU B 105 16.84 3.19 -1.06
C LEU B 105 18.36 3.35 -1.12
N LYS B 106 18.83 4.59 -1.28
CA LYS B 106 20.26 4.84 -1.31
C LYS B 106 20.93 4.47 0.00
N LYS B 107 20.22 4.68 1.11
CA LYS B 107 20.75 4.39 2.44
C LYS B 107 19.65 3.78 3.30
N PRO B 108 20.04 2.95 4.27
CA PRO B 108 19.03 2.33 5.13
C PRO B 108 18.29 3.37 5.96
N VAL B 109 16.99 3.18 6.15
CA VAL B 109 16.24 4.07 7.02
C VAL B 109 16.26 3.54 8.45
N ALA B 110 16.37 4.45 9.42
CA ALA B 110 16.31 4.07 10.82
C ALA B 110 14.88 3.80 11.26
N PHE B 111 14.64 2.66 11.89
CA PHE B 111 13.31 2.35 12.40
C PHE B 111 13.06 3.19 13.67
N SER B 112 11.78 3.41 13.96
CA SER B 112 11.37 4.22 15.10
C SER B 112 9.95 3.83 15.47
N ASP B 113 9.34 4.55 16.41
CA ASP B 113 7.94 4.30 16.73
C ASP B 113 7.03 4.46 15.51
N TYR B 114 7.47 5.25 14.53
CA TYR B 114 6.63 5.64 13.39
C TYR B 114 7.04 4.97 12.09
N ILE B 115 8.14 4.23 12.12
CA ILE B 115 8.76 3.65 10.93
C ILE B 115 9.14 2.21 11.23
N HIS B 116 8.47 1.27 10.55
CA HIS B 116 8.69 -0.14 10.85
C HIS B 116 8.17 -0.95 9.67
N PRO B 117 8.89 -2.02 9.28
CA PRO B 117 8.47 -2.79 8.11
C PRO B 117 7.30 -3.74 8.34
N VAL B 118 6.52 -3.94 7.27
CA VAL B 118 5.44 -4.93 7.25
C VAL B 118 6.03 -6.26 6.79
N CYS B 119 5.40 -7.37 7.18
CA CYS B 119 5.82 -8.68 6.68
C CYS B 119 5.23 -8.95 5.31
N LEU B 120 5.94 -9.77 4.52
CA LEU B 120 5.37 -10.31 3.31
C LEU B 120 4.90 -11.74 3.59
N PRO B 121 3.77 -12.13 3.00
CA PRO B 121 3.20 -13.45 3.32
C PRO B 121 3.98 -14.61 2.75
N ASP B 122 3.99 -15.70 3.50
CA ASP B 122 4.43 -17.00 3.03
C ASP B 122 3.22 -17.69 2.40
N ARG B 123 3.45 -18.84 1.77
CA ARG B 123 2.37 -19.55 1.10
C ARG B 123 1.23 -19.91 2.05
N GLU B 124 1.60 -20.33 3.26
CA GLU B 124 0.63 -20.78 4.24
C GLU B 124 -0.22 -19.64 4.78
N THR B 125 0.42 -18.52 5.08
CA THR B 125 -0.32 -17.38 5.59
C THR B 125 -1.26 -16.86 4.49
N ALA B 126 -0.80 -16.85 3.24
CA ALA B 126 -1.65 -16.44 2.13
C ALA B 126 -2.87 -17.36 1.99
N ALA B 127 -2.62 -18.66 2.04
CA ALA B 127 -3.71 -19.62 1.89
C ALA B 127 -4.72 -19.45 3.02
N SER B 128 -4.22 -19.21 4.22
CA SER B 128 -5.08 -19.09 5.39
C SER B 128 -5.92 -17.82 5.36
N LEU B 129 -5.34 -16.73 4.89
CA LEU B 129 -5.96 -15.42 5.06
C LEU B 129 -6.69 -14.86 3.83
N LEU B 130 -6.25 -15.24 2.64
CA LEU B 130 -6.84 -14.72 1.41
CA LEU B 130 -6.86 -14.67 1.44
C LEU B 130 -8.12 -15.46 1.06
N GLN B 131 -9.18 -15.24 1.82
CA GLN B 131 -10.43 -15.94 1.65
C GLN B 131 -11.57 -14.93 1.61
N ALA B 132 -12.58 -15.22 0.79
CA ALA B 132 -13.72 -14.33 0.68
C ALA B 132 -14.35 -14.07 2.04
N GLY B 133 -14.62 -12.81 2.32
CA GLY B 133 -15.23 -12.42 3.58
C GLY B 133 -14.24 -11.97 4.64
N TYR B 134 -13.01 -12.47 4.55
CA TYR B 134 -11.97 -12.03 5.47
C TYR B 134 -11.60 -10.60 5.15
N LYS B 135 -11.47 -9.78 6.19
CA LYS B 135 -11.20 -8.37 5.97
C LYS B 135 -9.71 -8.01 6.06
N GLY B 136 -9.29 -7.11 5.18
CA GLY B 136 -7.99 -6.49 5.28
C GLY B 136 -8.16 -5.00 5.43
N ARG B 137 -7.04 -4.29 5.42
CA ARG B 137 -7.02 -2.88 5.74
C ARG B 137 -6.20 -2.13 4.70
N VAL B 138 -6.76 -1.04 4.20
CA VAL B 138 -6.09 -0.22 3.20
CA VAL B 138 -6.05 -0.23 3.22
C VAL B 138 -5.89 1.18 3.77
N THR B 139 -4.73 1.77 3.49
CA THR B 139 -4.39 3.08 4.02
C THR B 139 -3.83 3.96 2.92
N GLY B 140 -4.01 5.26 3.04
CA GLY B 140 -3.44 6.18 2.06
C GLY B 140 -3.89 7.60 2.21
N TRP B 141 -3.25 8.48 1.42
CA TRP B 141 -3.53 9.90 1.43
C TRP B 141 -4.26 10.33 0.16
N GLY B 142 -4.85 9.36 -0.54
CA GLY B 142 -5.54 9.65 -1.78
C GLY B 142 -6.91 10.31 -1.58
N ASN B 143 -7.61 10.51 -2.69
CA ASN B 143 -8.88 11.24 -2.69
C ASN B 143 -9.88 10.69 -1.70
N LEU B 144 -10.64 11.60 -1.08
CA LEU B 144 -11.73 11.22 -0.19
C LEU B 144 -13.00 10.89 -0.96
N LYS B 145 -13.07 11.33 -2.22
CA LYS B 145 -14.21 11.04 -3.08
C LYS B 145 -13.72 10.88 -4.50
N GLU B 146 -14.48 10.16 -5.32
CA GLU B 146 -14.09 9.91 -6.69
C GLU B 146 -13.80 11.22 -7.43
N THR B 147 -14.69 12.19 -7.26
CA THR B 147 -14.52 13.48 -7.92
C THR B 147 -14.68 14.63 -6.92
N GLY B 155 -12.17 16.85 -0.42
CA GLY B 155 -11.39 16.35 -1.55
C GLY B 155 -10.20 15.53 -1.12
N GLN B 156 -9.25 16.18 -0.46
CA GLN B 156 -8.03 15.50 -0.01
C GLN B 156 -7.89 15.57 1.51
N PRO B 157 -7.38 14.50 2.13
CA PRO B 157 -7.38 14.41 3.59
C PRO B 157 -6.26 15.20 4.25
N SER B 158 -6.50 15.66 5.48
CA SER B 158 -5.44 16.25 6.28
C SER B 158 -4.42 15.22 6.74
N VAL B 159 -4.89 14.04 7.13
CA VAL B 159 -3.99 12.99 7.61
C VAL B 159 -4.30 11.65 6.96
N LEU B 160 -3.39 10.70 7.13
CA LEU B 160 -3.51 9.35 6.60
C LEU B 160 -4.89 8.76 6.92
N GLN B 161 -5.52 8.16 5.92
CA GLN B 161 -6.84 7.54 6.07
C GLN B 161 -6.72 6.03 6.09
N VAL B 162 -7.68 5.39 6.75
CA VAL B 162 -7.70 3.94 6.87
C VAL B 162 -9.12 3.42 6.64
N VAL B 163 -9.23 2.26 5.99
CA VAL B 163 -10.53 1.59 5.88
C VAL B 163 -10.32 0.07 5.86
N ASN B 164 -11.22 -0.65 6.53
CA ASN B 164 -11.18 -2.11 6.53
C ASN B 164 -12.21 -2.61 5.53
N LEU B 165 -11.84 -3.59 4.71
CA LEU B 165 -12.71 -4.06 3.62
C LEU B 165 -12.60 -5.57 3.45
N PRO B 166 -13.73 -6.22 3.16
CA PRO B 166 -13.72 -7.68 2.97
C PRO B 166 -13.25 -8.10 1.58
N ILE B 167 -12.46 -9.18 1.54
CA ILE B 167 -12.10 -9.82 0.29
C ILE B 167 -13.36 -10.38 -0.35
N VAL B 168 -13.46 -10.26 -1.68
CA VAL B 168 -14.66 -10.67 -2.40
C VAL B 168 -14.39 -11.94 -3.22
N GLU B 169 -15.40 -12.79 -3.32
CA GLU B 169 -15.34 -14.01 -4.13
C GLU B 169 -14.90 -13.71 -5.57
N ARG B 170 -14.01 -14.53 -6.11
CA ARG B 170 -13.49 -14.27 -7.46
CA ARG B 170 -13.49 -14.27 -7.46
C ARG B 170 -14.59 -14.11 -8.53
N PRO B 171 -15.63 -14.98 -8.52
CA PRO B 171 -16.67 -14.80 -9.55
C PRO B 171 -17.38 -13.45 -9.45
N VAL B 172 -17.57 -12.95 -8.24
CA VAL B 172 -18.20 -11.64 -8.05
C VAL B 172 -17.29 -10.53 -8.56
N CYS B 173 -15.99 -10.62 -8.27
CA CYS B 173 -15.03 -9.68 -8.83
C CYS B 173 -15.13 -9.67 -10.36
N LYS B 174 -15.12 -10.86 -10.95
CA LYS B 174 -15.13 -10.97 -12.41
C LYS B 174 -16.40 -10.40 -13.01
N ASP B 175 -17.52 -10.68 -12.36
CA ASP B 175 -18.83 -10.28 -12.87
C ASP B 175 -19.12 -8.79 -12.67
N SER B 176 -18.25 -8.08 -11.96
CA SER B 176 -18.45 -6.65 -11.68
C SER B 176 -17.84 -5.75 -12.76
N THR B 177 -17.16 -6.34 -13.73
CA THR B 177 -16.34 -5.56 -14.66
C THR B 177 -16.24 -6.24 -16.01
N ARG B 178 -15.95 -5.47 -17.05
CA ARG B 178 -15.66 -6.04 -18.37
C ARG B 178 -14.17 -6.32 -18.55
N ILE B 179 -13.35 -5.81 -17.64
CA ILE B 179 -11.91 -6.06 -17.70
C ILE B 179 -11.56 -7.50 -17.35
N ARG B 180 -10.56 -8.06 -18.03
CA ARG B 180 -10.10 -9.41 -17.76
C ARG B 180 -9.31 -9.46 -16.45
N ILE B 181 -9.81 -10.18 -15.47
CA ILE B 181 -9.15 -10.33 -14.18
CA ILE B 181 -9.05 -10.27 -14.22
C ILE B 181 -8.21 -11.53 -14.21
N THR B 182 -7.06 -11.45 -13.56
CA THR B 182 -6.11 -12.56 -13.53
C THR B 182 -5.87 -13.06 -12.11
N ASP B 183 -5.19 -14.18 -12.01
CA ASP B 183 -4.86 -14.76 -10.71
C ASP B 183 -3.89 -13.89 -9.92
N ASN B 184 -3.28 -12.90 -10.58
CA ASN B 184 -2.37 -11.97 -9.91
C ASN B 184 -3.08 -10.78 -9.30
N MET B 185 -4.40 -10.83 -9.27
CA MET B 185 -5.24 -9.78 -8.69
C MET B 185 -6.24 -10.40 -7.74
N PHE B 186 -6.66 -9.63 -6.74
CA PHE B 186 -7.89 -9.96 -6.02
C PHE B 186 -8.69 -8.69 -5.84
N CYS B 187 -9.96 -8.80 -5.48
CA CYS B 187 -10.75 -7.59 -5.24
C CYS B 187 -11.35 -7.60 -3.85
N ALA B 188 -11.69 -6.40 -3.36
CA ALA B 188 -12.21 -6.25 -2.01
C ALA B 188 -13.16 -5.07 -1.97
N GLY B 189 -14.09 -5.12 -1.01
CA GLY B 189 -15.07 -4.08 -0.84
C GLY B 189 -16.41 -4.69 -0.49
N TYR B 190 -17.32 -3.83 -0.02
CA TYR B 190 -18.65 -4.29 0.33
C TYR B 190 -19.56 -4.37 -0.89
N LYS B 191 -20.51 -5.30 -0.84
CA LYS B 191 -21.52 -5.43 -1.86
C LYS B 191 -22.62 -4.41 -1.60
N PRO B 192 -23.39 -4.05 -2.64
CA PRO B 192 -24.49 -3.11 -2.44
C PRO B 192 -25.42 -3.50 -1.29
N ASP B 193 -25.72 -4.78 -1.15
CA ASP B 193 -26.67 -5.24 -0.13
C ASP B 193 -26.08 -5.31 1.27
N GLU B 194 -24.79 -5.01 1.39
CA GLU B 194 -24.13 -5.10 2.70
C GLU B 194 -24.19 -3.81 3.50
N GLY B 195 -24.65 -2.73 2.87
CA GLY B 195 -24.83 -1.46 3.56
C GLY B 195 -23.57 -0.64 3.73
N LYS B 196 -22.55 -1.22 4.36
CA LYS B 196 -21.29 -0.53 4.61
C LYS B 196 -20.61 -0.22 3.29
N ARG B 197 -19.72 0.77 3.31
CA ARG B 197 -18.97 1.06 2.09
C ARG B 197 -17.52 1.43 2.39
N GLY B 198 -16.83 1.94 1.39
CA GLY B 198 -15.41 2.23 1.53
C GLY B 198 -14.62 1.69 0.34
N ASP B 199 -13.55 2.38 -0.01
CA ASP B 199 -12.72 1.97 -1.14
C ASP B 199 -11.43 2.77 -1.10
N ALA B 200 -10.41 2.24 -1.76
CA ALA B 200 -9.26 3.05 -2.11
C ALA B 200 -9.66 3.98 -3.27
N CYS B 201 -8.81 4.95 -3.57
CA CYS B 201 -9.08 5.85 -4.68
C CYS B 201 -7.77 6.36 -5.27
N GLU B 202 -7.89 7.22 -6.28
CA GLU B 202 -6.74 7.92 -6.86
C GLU B 202 -5.86 8.48 -5.74
N GLY B 203 -4.55 8.27 -5.85
CA GLY B 203 -3.60 8.74 -4.85
C GLY B 203 -3.25 7.67 -3.81
N ASP B 204 -4.13 6.69 -3.63
CA ASP B 204 -3.84 5.56 -2.74
C ASP B 204 -3.04 4.47 -3.44
N SER B 205 -3.00 4.57 -4.77
CA SER B 205 -2.20 3.69 -5.65
C SER B 205 -0.89 3.31 -5.03
N GLY B 206 -0.56 2.02 -5.07
CA GLY B 206 0.74 1.56 -4.61
C GLY B 206 0.83 1.29 -3.12
N GLY B 207 -0.17 1.73 -2.35
CA GLY B 207 -0.21 1.50 -0.93
C GLY B 207 -0.61 0.08 -0.59
N PRO B 208 -0.52 -0.26 0.69
CA PRO B 208 -0.70 -1.66 1.12
C PRO B 208 -2.13 -2.03 1.53
N PHE B 209 -2.51 -3.26 1.19
CA PHE B 209 -3.69 -3.93 1.74
C PHE B 209 -3.10 -4.95 2.71
N VAL B 210 -3.33 -4.76 4.01
CA VAL B 210 -2.70 -5.60 5.03
C VAL B 210 -3.73 -6.40 5.82
N MET B 211 -3.27 -7.50 6.40
CA MET B 211 -4.11 -8.35 7.24
C MET B 211 -3.32 -8.72 8.48
N LYS B 212 -3.99 -8.79 9.63
CA LYS B 212 -3.29 -9.15 10.86
C LYS B 212 -3.48 -10.64 11.13
N SER B 213 -2.40 -11.41 11.03
CA SER B 213 -2.52 -12.84 11.24
C SER B 213 -3.00 -13.17 12.65
N PRO B 214 -4.05 -14.00 12.76
CA PRO B 214 -4.51 -14.39 14.11
C PRO B 214 -3.64 -15.51 14.69
N PHE B 215 -2.71 -16.04 13.88
CA PHE B 215 -1.82 -17.11 14.29
C PHE B 215 -0.61 -16.57 15.01
N ASN B 216 -0.06 -15.46 14.54
CA ASN B 216 1.15 -14.92 15.16
C ASN B 216 1.07 -13.42 15.48
N ASN B 217 -0.10 -12.82 15.26
CA ASN B 217 -0.34 -11.42 15.60
C ASN B 217 0.55 -10.42 14.85
N ARG B 218 1.06 -10.83 13.70
CA ARG B 218 1.82 -9.92 12.83
C ARG B 218 1.00 -9.45 11.65
N TRP B 219 1.28 -8.23 11.21
CA TRP B 219 0.68 -7.71 9.98
C TRP B 219 1.44 -8.13 8.72
N TYR B 220 0.67 -8.62 7.75
CA TYR B 220 1.18 -9.06 6.46
C TYR B 220 0.58 -8.22 5.35
N GLN B 221 1.41 -7.86 4.37
CA GLN B 221 0.91 -7.16 3.19
C GLN B 221 0.46 -8.16 2.14
N MET B 222 -0.85 -8.31 1.98
CA MET B 222 -1.40 -9.25 1.02
C MET B 222 -1.63 -8.63 -0.35
N GLY B 223 -1.85 -7.31 -0.40
CA GLY B 223 -2.18 -6.66 -1.66
C GLY B 223 -1.51 -5.30 -1.82
N ILE B 224 -1.51 -4.81 -3.06
CA ILE B 224 -1.08 -3.46 -3.39
C ILE B 224 -2.25 -2.78 -4.09
N VAL B 225 -2.62 -1.58 -3.66
CA VAL B 225 -3.68 -0.82 -4.34
C VAL B 225 -3.34 -0.65 -5.82
N SER B 226 -4.16 -1.22 -6.70
CA SER B 226 -3.83 -1.28 -8.12
C SER B 226 -4.80 -0.50 -9.01
N TRP B 227 -6.08 -0.88 -9.02
CA TRP B 227 -7.02 -0.23 -9.93
C TRP B 227 -8.47 -0.35 -9.46
N GLY B 228 -9.31 0.48 -10.06
CA GLY B 228 -10.73 0.44 -9.78
C GLY B 228 -11.46 1.34 -10.76
N GLU B 229 -12.71 1.01 -11.03
CA GLU B 229 -13.53 1.82 -11.92
C GLU B 229 -14.24 2.89 -11.11
N GLY B 230 -13.67 4.09 -11.11
CA GLY B 230 -14.10 5.13 -10.18
C GLY B 230 -13.67 4.77 -8.76
N CYS B 231 -14.40 5.27 -7.77
CA CYS B 231 -14.13 4.93 -6.37
C CYS B 231 -15.43 4.80 -5.59
N ASP B 232 -15.53 3.72 -4.80
CA ASP B 232 -16.68 3.46 -3.93
C ASP B 232 -18.02 3.46 -4.67
N ARG B 233 -18.02 3.01 -5.93
CA ARG B 233 -19.28 2.88 -6.65
C ARG B 233 -20.00 1.60 -6.23
N ASP B 234 -21.31 1.68 -6.10
CA ASP B 234 -22.10 0.48 -5.85
C ASP B 234 -21.87 -0.53 -6.98
N GLY B 235 -21.56 -1.77 -6.60
CA GLY B 235 -21.40 -2.84 -7.57
C GLY B 235 -20.02 -2.93 -8.19
N LYS B 236 -19.15 -1.99 -7.83
CA LYS B 236 -17.74 -2.06 -8.23
C LYS B 236 -16.90 -2.42 -7.02
N TYR B 237 -15.68 -2.89 -7.25
CA TYR B 237 -14.78 -3.30 -6.19
C TYR B 237 -13.38 -2.76 -6.48
N GLY B 238 -12.57 -2.63 -5.45
CA GLY B 238 -11.19 -2.27 -5.63
C GLY B 238 -10.37 -3.50 -5.98
N PHE B 239 -9.41 -3.33 -6.89
CA PHE B 239 -8.53 -4.42 -7.29
C PHE B 239 -7.12 -4.20 -6.77
N TYR B 240 -6.51 -5.29 -6.32
CA TYR B 240 -5.24 -5.26 -5.61
C TYR B 240 -4.30 -6.28 -6.23
N THR B 241 -3.03 -5.91 -6.35
CA THR B 241 -2.01 -6.87 -6.76
C THR B 241 -1.87 -7.95 -5.70
N HIS B 242 -1.82 -9.21 -6.14
CA HIS B 242 -1.72 -10.35 -5.24
C HIS B 242 -0.24 -10.56 -4.89
N VAL B 243 0.17 -10.02 -3.74
CA VAL B 243 1.59 -9.99 -3.39
C VAL B 243 2.21 -11.37 -3.33
N PHE B 244 1.54 -12.33 -2.70
CA PHE B 244 2.14 -13.65 -2.60
C PHE B 244 2.40 -14.28 -3.98
N ARG B 245 1.47 -14.10 -4.91
CA ARG B 245 1.62 -14.69 -6.24
C ARG B 245 2.88 -14.18 -6.94
N LEU B 246 3.35 -13.00 -6.54
CA LEU B 246 4.50 -12.38 -7.19
C LEU B 246 5.74 -12.39 -6.27
N LYS B 247 5.66 -13.14 -5.19
CA LYS B 247 6.75 -13.10 -4.21
C LYS B 247 8.05 -13.68 -4.73
N LYS B 248 7.98 -14.66 -5.64
CA LYS B 248 9.21 -15.23 -6.20
C LYS B 248 10.01 -14.16 -6.94
N TRP B 249 9.30 -13.24 -7.60
CA TRP B 249 9.97 -12.14 -8.28
C TRP B 249 10.59 -11.17 -7.27
N ILE B 250 9.84 -10.84 -6.24
CA ILE B 250 10.34 -9.97 -5.18
C ILE B 250 11.64 -10.54 -4.60
N GLN B 251 11.62 -11.81 -4.23
CA GLN B 251 12.79 -12.46 -3.65
CA GLN B 251 12.79 -12.46 -3.65
C GLN B 251 13.96 -12.50 -4.62
N LYS B 252 13.66 -12.71 -5.90
CA LYS B 252 14.71 -12.75 -6.93
C LYS B 252 15.41 -11.39 -7.02
N VAL B 253 14.62 -10.32 -7.03
CA VAL B 253 15.20 -8.98 -7.12
C VAL B 253 16.05 -8.65 -5.89
N ILE B 254 15.50 -8.92 -4.70
CA ILE B 254 16.22 -8.64 -3.47
C ILE B 254 17.49 -9.50 -3.35
N ASP B 255 17.41 -10.76 -3.74
CA ASP B 255 18.58 -11.65 -3.69
C ASP B 255 19.69 -11.19 -4.63
N GLN B 256 19.30 -10.69 -5.79
CA GLN B 256 20.29 -10.31 -6.81
C GLN B 256 20.89 -8.93 -6.55
N PHE B 257 20.06 -7.99 -6.11
CA PHE B 257 20.48 -6.60 -6.00
C PHE B 257 20.58 -6.11 -4.56
N GLY B 258 20.19 -6.96 -3.62
CA GLY B 258 20.22 -6.60 -2.22
C GLY B 258 21.54 -6.94 -1.57
N ASP C 3 -0.03 22.75 -2.13
CA ASP C 3 -0.39 22.89 -0.73
C ASP C 3 0.53 22.09 0.19
N PHE C 4 1.63 21.59 -0.37
CA PHE C 4 2.61 20.88 0.44
C PHE C 4 3.63 21.82 1.07
N GLU C 5 3.89 21.61 2.35
CA GLU C 5 4.93 22.36 3.04
C GLU C 5 6.28 22.03 2.42
N GLU C 6 7.13 23.05 2.27
CA GLU C 6 8.46 22.84 1.71
C GLU C 6 9.25 21.86 2.57
N ILE C 7 10.07 21.03 1.93
CA ILE C 7 10.92 20.11 2.67
C ILE C 7 12.34 20.65 2.67
N PRO C 8 13.12 20.31 3.70
CA PRO C 8 14.51 20.76 3.78
C PRO C 8 15.25 20.55 2.46
N GLU C 9 15.96 21.58 2.00
CA GLU C 9 16.60 21.55 0.69
C GLU C 9 17.64 20.43 0.57
N GLU C 10 18.12 19.95 1.71
CA GLU C 10 19.11 18.88 1.71
C GLU C 10 18.60 17.63 0.99
N TYS C 11 17.29 17.45 0.95
CA TYS C 11 16.71 16.30 0.29
CB TYS C 11 15.41 15.92 0.98
CG TYS C 11 15.53 15.62 2.42
CD1 TYS C 11 16.20 14.51 2.84
CD2 TYS C 11 14.93 16.53 3.36
CE1 TYS C 11 16.31 14.25 4.24
CE2 TYS C 11 15.04 16.26 4.72
CZ TYS C 11 15.71 15.14 5.17
OH TYS C 11 15.80 14.89 6.55
S TYS C 11 14.84 13.99 7.22
O1 TYS C 11 15.07 12.58 6.69
O2 TYS C 11 15.12 14.09 8.60
O3 TYS C 11 13.47 14.38 6.95
C TYS C 11 16.44 16.51 -1.16
O TYS C 11 15.97 15.57 -1.85
N LEU C 12 16.69 17.71 -1.65
CA LEU C 12 16.39 18.05 -3.03
C LEU C 12 17.66 18.22 -3.86
N GLN C 13 18.81 18.08 -3.22
CA GLN C 13 20.08 18.22 -3.91
C GLN C 13 20.43 16.94 -4.66
C1 NAG D . 11.02 4.94 -19.72
C2 NAG D . 11.10 4.50 -21.19
C3 NAG D . 12.29 3.69 -21.47
C4 NAG D . 13.47 4.40 -21.03
C5 NAG D . 13.40 4.70 -19.57
C6 NAG D . 14.60 5.38 -19.13
C7 NAG D . 9.39 2.51 -21.08
C8 NAG D . 10.14 1.75 -20.06
N2 NAG D . 9.86 3.82 -21.60
O3 NAG D . 12.37 3.41 -22.86
O4 NAG D . 14.66 3.68 -21.36
O5 NAG D . 12.20 5.56 -19.29
O6 NAG D . 14.77 6.71 -19.53
O7 NAG D . 8.35 2.06 -21.51
C7 S54 E . -7.61 -0.79 -19.37
S8 S54 E . -8.93 0.19 -19.68
C4 S54 E . -7.29 -0.96 -17.90
C5 S54 E . -7.89 -1.97 -17.17
C6 S54 E . -7.59 -2.13 -15.82
C1 S54 E . -6.68 -1.29 -15.21
C2 S54 E . -6.07 -0.27 -15.94
C3 S54 E . -6.38 -0.12 -17.29
O22 S54 E . -10.11 -0.40 -19.10
O23 S54 E . -8.70 1.51 -19.18
N9 S54 E . -9.12 0.28 -21.27
C10 S54 E . -10.00 -0.66 -21.96
C18 S54 E . -9.58 -0.76 -23.43
C19 S54 E . -8.11 -1.11 -23.54
C20 S54 E . -9.90 0.52 -24.20
C11 S54 E . -11.46 -0.35 -21.83
O17 S54 E . -11.88 0.80 -21.86
N12 S54 E . -12.26 -1.40 -21.68
C13 S54 E . -13.72 -1.23 -21.55
C24 S54 E . -14.21 -0.63 -20.28
O33 S54 E . -15.35 -0.22 -20.21
C14 S54 E . -14.25 -2.65 -21.58
C15 S54 E . -13.08 -3.56 -21.21
C16 S54 E . -11.85 -2.80 -21.65
N25 S54 E . -13.38 -0.56 -19.22
C26 S54 E . -13.74 -0.05 -17.92
C27 S54 E . -13.43 1.42 -17.74
C32 S54 E . -12.78 2.14 -18.73
C31 S54 E . -12.51 3.49 -18.54
C30 S54 E . -12.90 4.12 -17.36
C34 S54 E . -12.59 5.58 -17.17
N35 S54 E . -11.53 6.06 -17.62
N36 S54 E . -13.47 6.35 -16.53
C29 S54 E . -13.54 3.40 -16.37
C28 S54 E . -13.82 2.05 -16.56
C7 S54 F . -9.33 5.16 -11.80
S8 S54 F . -10.17 4.90 -13.24
C4 S54 F . -9.57 6.54 -11.22
C5 S54 F . -10.50 6.71 -10.20
C6 S54 F . -10.72 7.99 -9.67
C1 S54 F . -10.00 9.08 -10.16
C2 S54 F . -9.07 8.90 -11.16
C3 S54 F . -8.85 7.64 -11.70
O22 S54 F . -11.58 5.08 -12.98
O23 S54 F . -9.68 5.78 -14.26
N9 S54 F . -9.95 3.38 -13.69
C10 S54 F . -8.72 2.96 -14.36
C18 S54 F . -8.98 1.78 -15.28
C19 S54 F . -9.99 2.14 -16.39
C20 S54 F . -9.49 0.59 -14.49
C11 S54 F . -7.63 2.69 -13.34
O17 S54 F . -7.88 2.28 -12.21
N12 S54 F . -6.37 2.91 -13.72
C13 S54 F . -5.26 2.73 -12.77
C24 S54 F . -5.51 3.66 -11.62
O33 S54 F . -5.96 4.79 -11.82
C14 S54 F . -4.01 3.17 -13.51
C15 S54 F . -4.41 3.28 -14.97
C16 S54 F . -5.92 3.41 -15.01
N25 S54 F . -5.26 3.23 -10.39
C26 S54 F . -5.46 4.03 -9.19
C27 S54 F . -6.67 3.48 -8.47
C32 S54 F . -6.54 2.40 -7.61
C31 S54 F . -7.67 1.91 -6.96
C30 S54 F . -8.91 2.49 -7.14
C34 S54 F . -10.11 1.95 -6.43
N35 S54 F . -11.28 2.41 -6.67
N36 S54 F . -9.96 0.98 -5.54
C29 S54 F . -9.03 3.57 -8.00
C28 S54 F . -7.91 4.06 -8.65
P PO4 G . -0.55 -11.08 -19.64
O1 PO4 G . 0.81 -10.42 -19.64
O2 PO4 G . -0.42 -12.54 -19.30
O3 PO4 G . -1.18 -10.94 -21.02
O4 PO4 G . -1.40 -10.38 -18.61
C1 GOL H . -10.99 -14.80 -3.84
O1 GOL H . -11.95 -14.55 -2.89
C2 GOL H . -9.97 -13.75 -4.09
O2 GOL H . -8.66 -14.18 -4.14
C3 GOL H . -10.35 -12.79 -5.18
O3 GOL H . -10.78 -11.57 -4.76
NA NA I . -16.90 -9.73 -16.35
NA NA J . -18.25 -0.61 -4.35
#